data_2X28
#
_entry.id   2X28
#
_cell.length_a   102.620
_cell.length_b   72.970
_cell.length_c   30.660
_cell.angle_alpha   90.00
_cell.angle_beta   90.00
_cell.angle_gamma   90.00
#
_symmetry.space_group_name_H-M   'P 21 21 2'
#
loop_
_entity.id
_entity.type
_entity.pdbx_description
1 polymer 'SPOROZOITE-SPECIFIC SAG PROTEIN'
2 non-polymer 'CADMIUM ION'
3 water water
#
_entity_poly.entity_id   1
_entity_poly.type   'polypeptide(L)'
_entity_poly.pdbx_seq_one_letter_code
;PEATSCETEGSSISFTVEKAGHVVRFNCPSTLEEIKPAYEAGDSTKVCTTADCSNEAALKDVLKSASLAQAEGSGPSGGN
DFTLTVDALPEAETSVFFLCQRTGASRSARRLGTAVPSDKCGVHILVKAAPQAPVCSAQDHTLELQITAANSDTSFVCGG
TFNVIKPANAAKVLQGDSCETEVDLVSLVPHASRSALEQSGLIKLSVTDLPQQQQKLCYRCEDSSQKACKVLVTVSAS
;
_entity_poly.pdbx_strand_id   A
#
# COMPACT_ATOMS: atom_id res chain seq x y z
N THR A 4 21.93 -6.12 -2.33
CA THR A 4 21.75 -6.96 -1.08
C THR A 4 22.54 -6.67 0.18
N SER A 5 23.88 -6.69 0.15
CA SER A 5 24.66 -6.62 1.42
C SER A 5 25.39 -5.30 1.65
N CYS A 6 25.35 -4.77 2.88
CA CYS A 6 25.99 -3.50 3.16
C CYS A 6 27.43 -3.81 3.61
N GLU A 7 28.26 -4.14 2.64
CA GLU A 7 29.60 -4.73 2.84
C GLU A 7 30.63 -3.68 3.23
N THR A 8 30.50 -2.50 2.62
CA THR A 8 31.56 -1.50 2.51
C THR A 8 31.48 -0.41 3.60
N GLU A 9 32.44 -0.41 4.54
CA GLU A 9 32.56 0.70 5.52
C GLU A 9 32.56 2.06 4.78
N GLY A 10 31.86 3.04 5.34
CA GLY A 10 31.84 4.36 4.73
C GLY A 10 30.89 4.51 3.55
N SER A 11 30.45 3.39 2.97
CA SER A 11 29.48 3.41 1.87
C SER A 11 27.99 3.38 2.25
N SER A 12 27.18 3.25 1.21
CA SER A 12 25.71 3.22 1.31
C SER A 12 25.17 2.30 0.21
N ILE A 13 24.04 1.65 0.51
CA ILE A 13 23.23 0.91 -0.45
C ILE A 13 21.82 1.48 -0.40
N SER A 14 21.11 1.48 -1.50
CA SER A 14 19.75 1.93 -1.43
C SER A 14 18.78 1.06 -2.22
N PHE A 15 17.50 1.27 -1.94
CA PHE A 15 16.42 0.50 -2.50
C PHE A 15 15.24 1.40 -2.63
N THR A 16 14.29 0.99 -3.45
CA THR A 16 13.00 1.68 -3.59
C THR A 16 11.84 0.69 -3.46
N VAL A 17 10.82 1.08 -2.68
CA VAL A 17 9.47 0.47 -2.74
C VAL A 17 8.55 1.38 -3.57
N GLU A 18 8.13 0.86 -4.72
CA GLU A 18 7.57 1.67 -5.80
C GLU A 18 6.12 1.30 -5.99
N LYS A 19 5.76 0.09 -5.52
CA LYS A 19 4.35 -0.40 -5.52
C LYS A 19 3.88 -0.92 -4.15
N ALA A 20 2.60 -0.69 -3.81
CA ALA A 20 2.02 -1.19 -2.54
C ALA A 20 2.26 -2.69 -2.47
N GLY A 21 2.55 -3.19 -1.28
CA GLY A 21 2.81 -4.61 -1.13
C GLY A 21 4.19 -5.03 -1.60
N HIS A 22 5.06 -4.11 -2.07
CA HIS A 22 6.40 -4.57 -2.48
C HIS A 22 7.34 -4.55 -1.29
N VAL A 23 8.44 -5.28 -1.43
CA VAL A 23 9.37 -5.54 -0.34
C VAL A 23 10.79 -5.21 -0.78
N VAL A 24 11.65 -4.93 0.18
CA VAL A 24 13.08 -4.71 -0.05
C VAL A 24 13.78 -5.60 1.00
N ARG A 25 14.78 -6.38 0.59
CA ARG A 25 15.58 -7.08 1.56
C ARG A 25 17.01 -6.59 1.49
N PHE A 26 17.64 -6.35 2.62
CA PHE A 26 19.07 -6.06 2.65
C PHE A 26 19.79 -6.83 3.77
N ASN A 27 21.14 -6.86 3.74
CA ASN A 27 21.88 -7.66 4.71
C ASN A 27 22.92 -6.84 5.42
N CYS A 28 22.95 -6.91 6.74
CA CYS A 28 24.10 -6.43 7.50
C CYS A 28 25.04 -7.60 7.70
N PRO A 29 26.23 -7.55 7.06
CA PRO A 29 27.08 -8.76 7.04
C PRO A 29 27.68 -9.06 8.40
N SER A 30 28.23 -10.26 8.58
CA SER A 30 28.91 -10.66 9.85
C SER A 30 30.00 -9.67 10.32
N THR A 31 30.53 -8.89 9.39
CA THR A 31 31.54 -7.89 9.72
C THR A 31 30.96 -6.56 10.30
N LEU A 32 29.69 -6.29 10.01
CA LEU A 32 28.98 -5.09 10.44
C LEU A 32 27.60 -5.62 10.65
N GLU A 33 27.50 -6.47 11.65
CA GLU A 33 26.36 -7.33 11.83
C GLU A 33 25.21 -6.59 12.48
N GLU A 34 25.51 -5.51 13.17
CA GLU A 34 24.46 -4.92 13.98
C GLU A 34 23.73 -3.76 13.28
N ILE A 35 22.41 -3.88 13.18
CA ILE A 35 21.62 -2.86 12.50
C ILE A 35 21.38 -1.69 13.50
N LYS A 36 21.34 -0.46 12.97
CA LYS A 36 20.91 0.71 13.77
C LYS A 36 19.71 1.35 13.02
N PRO A 37 18.58 1.63 13.70
CA PRO A 37 18.22 1.42 15.10
C PRO A 37 18.19 -0.05 15.48
N ALA A 38 18.47 -0.35 16.75
CA ALA A 38 18.54 -1.72 17.22
C ALA A 38 17.23 -2.40 16.87
N TYR A 39 17.32 -3.61 16.33
CA TYR A 39 16.11 -4.26 15.78
C TYR A 39 15.11 -4.62 16.87
N GLU A 40 13.82 -4.28 16.64
CA GLU A 40 12.66 -4.67 17.43
C GLU A 40 11.53 -4.88 16.43
N ALA A 41 10.70 -5.89 16.64
CA ALA A 41 9.69 -6.30 15.68
C ALA A 41 8.31 -5.60 15.83
N GLY A 42 7.45 -5.78 14.83
CA GLY A 42 6.08 -5.24 14.87
C GLY A 42 6.00 -3.77 15.23
N ASP A 43 5.21 -3.46 16.27
CA ASP A 43 4.92 -2.06 16.66
C ASP A 43 6.12 -1.37 17.31
N SER A 44 7.19 -2.14 17.59
CA SER A 44 8.32 -1.58 18.31
C SER A 44 9.43 -1.17 17.37
N THR A 45 9.27 -1.40 16.07
CA THR A 45 10.37 -1.13 15.12
C THR A 45 10.68 0.38 15.08
N LYS A 46 11.97 0.70 15.05
CA LYS A 46 12.41 2.04 14.81
C LYS A 46 13.25 2.12 13.51
N VAL A 47 13.17 3.28 12.87
CA VAL A 47 14.00 3.57 11.70
C VAL A 47 14.80 4.87 11.96
N CYS A 48 15.92 5.09 11.25
CA CYS A 48 16.55 6.43 11.25
C CYS A 48 15.89 7.28 10.18
N THR A 49 15.86 8.59 10.45
CA THR A 49 15.24 9.54 9.56
C THR A 49 16.21 10.54 8.92
N THR A 50 17.49 10.39 9.25
CA THR A 50 18.61 10.99 8.49
C THR A 50 19.60 9.86 8.25
N ALA A 51 20.40 9.99 7.19
CA ALA A 51 21.35 8.96 6.79
C ALA A 51 22.37 8.59 7.90
N ASP A 52 22.81 9.57 8.71
CA ASP A 52 23.81 9.29 9.76
C ASP A 52 23.27 8.60 11.03
N CYS A 53 21.95 8.42 11.08
CA CYS A 53 21.26 7.77 12.20
C CYS A 53 21.32 8.56 13.50
N SER A 54 21.57 9.87 13.39
CA SER A 54 21.54 10.74 14.54
C SER A 54 20.09 11.08 14.85
N ASN A 55 19.21 10.83 13.88
CA ASN A 55 17.77 11.01 14.08
C ASN A 55 16.97 9.72 13.89
N GLU A 56 15.98 9.51 14.74
CA GLU A 56 15.21 8.27 14.74
C GLU A 56 13.74 8.50 14.95
N ALA A 57 12.92 7.57 14.47
CA ALA A 57 11.53 7.50 14.84
C ALA A 57 11.02 6.06 14.81
N ALA A 58 9.88 5.81 15.46
CA ALA A 58 9.09 4.58 15.21
C ALA A 58 8.72 4.41 13.74
N LEU A 59 8.98 3.24 13.17
CA LEU A 59 8.45 2.94 11.84
C LEU A 59 6.95 3.32 11.69
N LYS A 60 6.13 2.94 12.65
CA LYS A 60 4.66 3.25 12.66
C LYS A 60 4.24 4.72 12.50
N ASP A 61 5.15 5.65 12.83
CA ASP A 61 4.92 7.10 12.69
C ASP A 61 5.52 7.64 11.40
N VAL A 62 6.24 6.80 10.66
CA VAL A 62 6.86 7.18 9.37
C VAL A 62 6.12 6.55 8.20
N LEU A 63 5.81 5.26 8.37
CA LEU A 63 5.06 4.45 7.40
C LEU A 63 4.01 3.57 8.11
N LYS A 64 2.75 4.04 8.07
CA LYS A 64 1.59 3.44 8.74
C LYS A 64 1.44 1.91 8.61
N SER A 65 1.71 1.39 7.41
CA SER A 65 1.41 -0.02 7.08
C SER A 65 2.64 -0.86 6.72
N ALA A 66 3.81 -0.42 7.18
CA ALA A 66 5.05 -1.14 6.90
C ALA A 66 5.35 -2.20 7.98
N SER A 67 6.16 -3.19 7.63
CA SER A 67 6.81 -4.03 8.67
C SER A 67 8.30 -4.28 8.40
N LEU A 68 9.07 -4.48 9.46
CA LEU A 68 10.44 -4.85 9.27
C LEU A 68 10.67 -6.21 9.90
N ALA A 69 11.15 -7.16 9.10
CA ALA A 69 11.44 -8.52 9.56
C ALA A 69 12.94 -8.73 9.59
N GLN A 70 13.34 -9.71 10.37
CA GLN A 70 14.73 -10.05 10.53
C GLN A 70 14.88 -11.55 10.42
N ALA A 71 15.93 -11.96 9.74
CA ALA A 71 16.25 -13.37 9.56
C ALA A 71 17.77 -13.48 9.50
N GLU A 72 18.28 -14.66 9.81
CA GLU A 72 19.71 -14.93 9.81
C GLU A 72 20.27 -14.85 8.41
N GLY A 73 21.49 -14.33 8.29
CA GLY A 73 22.05 -14.01 7.02
C GLY A 73 22.59 -15.21 6.27
N SER A 74 23.13 -14.90 5.10
CA SER A 74 23.52 -15.84 4.07
C SER A 74 24.64 -16.80 4.47
N SER A 77 27.39 -15.53 3.23
CA SER A 77 28.28 -14.70 4.03
C SER A 77 27.49 -13.73 4.96
N GLY A 78 27.37 -14.16 6.22
CA GLY A 78 26.20 -14.04 7.07
C GLY A 78 25.68 -12.76 7.68
N GLY A 79 25.70 -12.70 9.00
CA GLY A 79 25.12 -11.59 9.72
C GLY A 79 23.62 -11.72 9.74
N ASN A 80 22.91 -10.63 9.41
CA ASN A 80 21.44 -10.61 9.44
C ASN A 80 20.76 -10.06 8.19
N ASP A 81 19.69 -10.73 7.77
CA ASP A 81 18.82 -10.23 6.69
C ASP A 81 17.56 -9.53 7.19
N PHE A 82 17.24 -8.39 6.56
CA PHE A 82 16.04 -7.64 6.90
C PHE A 82 15.13 -7.45 5.68
N THR A 83 13.84 -7.59 5.93
CA THR A 83 12.81 -7.46 4.89
C THR A 83 11.80 -6.41 5.33
N LEU A 84 11.69 -5.34 4.52
CA LEU A 84 10.71 -4.27 4.70
C LEU A 84 9.62 -4.50 3.69
N THR A 85 8.39 -4.59 4.16
CA THR A 85 7.18 -4.65 3.31
C THR A 85 6.40 -3.40 3.61
N VAL A 86 5.89 -2.73 2.58
CA VAL A 86 5.02 -1.59 2.76
C VAL A 86 3.68 -1.98 2.12
N ASP A 87 2.66 -2.14 2.95
CA ASP A 87 1.32 -2.57 2.47
C ASP A 87 0.57 -1.59 1.60
N ALA A 88 0.47 -0.35 2.07
CA ALA A 88 -0.13 0.77 1.37
C ALA A 88 0.92 1.88 1.26
N LEU A 89 1.15 2.42 0.06
CA LEU A 89 2.15 3.46 -0.08
C LEU A 89 1.69 4.74 0.65
N PRO A 90 2.65 5.50 1.18
CA PRO A 90 2.30 6.72 1.88
C PRO A 90 1.77 7.75 0.89
N GLU A 91 1.18 8.82 1.41
CA GLU A 91 0.65 9.89 0.58
C GLU A 91 1.78 10.66 -0.10
N ALA A 92 2.83 10.94 0.66
CA ALA A 92 4.02 11.59 0.09
C ALA A 92 5.21 10.65 0.11
N GLU A 93 6.13 10.91 -0.81
CA GLU A 93 7.35 10.16 -0.97
C GLU A 93 8.10 10.18 0.34
N THR A 94 8.59 9.04 0.80
CA THR A 94 9.30 9.08 2.09
C THR A 94 10.49 8.12 2.25
N SER A 95 11.55 8.62 2.87
CA SER A 95 12.80 7.88 2.98
C SER A 95 12.99 7.30 4.37
N VAL A 96 13.45 6.06 4.44
CA VAL A 96 13.85 5.55 5.74
C VAL A 96 15.28 5.12 5.65
N PHE A 97 15.95 5.15 6.81
CA PHE A 97 17.37 4.81 6.88
C PHE A 97 17.73 3.83 8.02
N PHE A 98 18.81 3.10 7.79
CA PHE A 98 19.47 2.27 8.78
C PHE A 98 21.00 2.37 8.61
N LEU A 99 21.74 1.98 9.65
CA LEU A 99 23.15 1.62 9.51
C LEU A 99 23.31 0.17 9.84
N CYS A 100 24.31 -0.44 9.21
CA CYS A 100 24.92 -1.71 9.64
C CYS A 100 26.25 -1.32 10.26
N GLN A 101 26.45 -1.74 11.51
CA GLN A 101 27.67 -1.45 12.24
C GLN A 101 28.17 -2.68 13.03
N ARG A 102 29.39 -2.61 13.57
CA ARG A 102 29.86 -3.65 14.52
C ARG A 102 29.01 -3.75 15.79
N THR A 103 28.66 -4.95 16.18
CA THR A 103 28.08 -5.21 17.48
C THR A 103 28.51 -4.41 18.71
N GLY A 104 27.61 -3.75 19.40
CA GLY A 104 28.02 -3.03 20.55
C GLY A 104 28.44 -1.62 20.23
N ALA A 105 28.69 -1.31 18.98
CA ALA A 105 29.01 0.07 18.62
C ALA A 105 27.91 1.02 19.00
N ASP A 119 33.30 3.83 9.92
CA ASP A 119 33.26 2.40 10.29
C ASP A 119 31.90 1.69 10.13
N LYS A 120 30.97 2.29 9.39
CA LYS A 120 29.59 1.77 9.33
C LYS A 120 29.12 1.78 7.89
N CYS A 121 28.06 1.04 7.59
CA CYS A 121 27.54 1.06 6.25
C CYS A 121 26.07 1.52 6.29
N GLY A 122 25.68 2.41 5.36
CA GLY A 122 24.33 2.99 5.37
C GLY A 122 23.32 2.38 4.40
N VAL A 123 22.07 2.28 4.82
CA VAL A 123 21.01 1.71 3.99
C VAL A 123 19.98 2.81 3.78
N HIS A 124 19.65 3.14 2.55
CA HIS A 124 18.64 4.17 2.28
C HIS A 124 17.52 3.53 1.49
N ILE A 125 16.30 3.69 2.00
CA ILE A 125 15.11 3.12 1.33
C ILE A 125 14.12 4.22 1.03
N LEU A 126 13.85 4.39 -0.27
CA LEU A 126 12.88 5.37 -0.71
C LEU A 126 11.54 4.66 -0.90
N VAL A 127 10.49 5.18 -0.29
CA VAL A 127 9.16 4.62 -0.49
C VAL A 127 8.36 5.65 -1.26
N LYS A 128 7.98 5.30 -2.50
CA LYS A 128 7.25 6.26 -3.38
C LYS A 128 5.89 6.59 -2.83
N ALA A 129 5.44 7.80 -3.15
CA ALA A 129 4.10 8.28 -2.87
C ALA A 129 3.12 7.41 -3.57
N ALA A 130 1.94 7.18 -2.98
CA ALA A 130 0.90 6.38 -3.66
C ALA A 130 0.49 7.06 -4.98
N PRO A 131 0.30 6.28 -6.08
CA PRO A 131 -0.07 6.93 -7.36
C PRO A 131 -1.48 7.49 -7.25
N GLN A 132 -1.80 8.59 -7.88
CA GLN A 132 -3.14 8.91 -7.63
C GLN A 132 -4.26 8.27 -8.40
N ALA A 133 -5.35 8.08 -7.67
CA ALA A 133 -6.41 7.18 -8.06
C ALA A 133 -7.03 7.54 -9.42
N PRO A 134 -7.30 6.54 -10.26
CA PRO A 134 -7.93 6.82 -11.54
C PRO A 134 -9.28 7.56 -11.39
N VAL A 135 -9.60 8.43 -12.35
CA VAL A 135 -10.75 9.31 -12.28
C VAL A 135 -11.82 8.85 -13.28
N CYS A 136 -13.10 8.90 -12.87
CA CYS A 136 -14.23 8.60 -13.77
C CYS A 136 -14.93 9.95 -13.92
N SER A 137 -14.58 10.69 -14.97
CA SER A 137 -15.03 12.08 -15.17
C SER A 137 -15.76 12.37 -16.53
N ALA A 138 -16.21 11.32 -17.23
CA ALA A 138 -16.87 11.50 -18.54
C ALA A 138 -17.99 10.48 -18.75
N GLN A 139 -19.06 10.94 -19.41
CA GLN A 139 -20.29 10.17 -19.57
C GLN A 139 -20.01 8.93 -20.35
N ASP A 140 -20.54 7.80 -19.85
CA ASP A 140 -20.53 6.45 -20.52
C ASP A 140 -19.20 5.77 -20.75
N HIS A 141 -18.18 6.32 -20.10
CA HIS A 141 -16.89 5.72 -20.06
C HIS A 141 -17.00 4.59 -19.01
N THR A 142 -16.22 3.53 -19.16
CA THR A 142 -16.09 2.56 -18.08
C THR A 142 -14.65 2.49 -17.60
N LEU A 143 -14.48 2.73 -16.31
CA LEU A 143 -13.21 2.57 -15.66
C LEU A 143 -13.19 1.16 -15.07
N GLU A 144 -12.24 0.35 -15.53
CA GLU A 144 -12.14 -1.06 -15.22
C GLU A 144 -11.02 -1.30 -14.25
N LEU A 145 -11.40 -1.77 -13.07
CA LEU A 145 -10.50 -2.00 -11.95
C LEU A 145 -10.54 -3.48 -11.57
N GLN A 146 -9.47 -3.95 -10.91
CA GLN A 146 -9.31 -5.38 -10.60
C GLN A 146 -8.93 -5.56 -9.14
N ILE A 147 -9.56 -6.50 -8.44
CA ILE A 147 -9.05 -6.97 -7.13
C ILE A 147 -8.62 -8.42 -7.35
N THR A 148 -7.38 -8.75 -7.04
CA THR A 148 -6.90 -10.08 -7.45
C THR A 148 -6.34 -10.89 -6.30
N ALA A 149 -6.13 -10.22 -5.16
CA ALA A 149 -5.54 -10.83 -3.98
C ALA A 149 -6.43 -10.57 -2.79
N ALA A 150 -6.33 -11.46 -1.81
CA ALA A 150 -6.94 -11.26 -0.51
C ALA A 150 -6.38 -10.01 0.12
N ASN A 151 -7.09 -9.45 1.10
CA ASN A 151 -6.49 -8.41 1.90
C ASN A 151 -5.97 -7.22 1.02
N SER A 152 -6.70 -6.87 -0.05
CA SER A 152 -6.35 -5.71 -0.87
C SER A 152 -7.53 -4.72 -1.07
N ASP A 153 -7.24 -3.59 -1.71
CA ASP A 153 -8.22 -2.59 -2.12
C ASP A 153 -7.97 -2.02 -3.50
N THR A 154 -9.00 -1.39 -4.07
CA THR A 154 -8.86 -0.60 -5.27
C THR A 154 -9.63 0.71 -5.03
N SER A 155 -9.13 1.83 -5.57
CA SER A 155 -9.67 3.17 -5.37
C SER A 155 -9.87 3.93 -6.70
N PHE A 156 -10.85 4.83 -6.72
CA PHE A 156 -11.18 5.60 -7.90
C PHE A 156 -11.81 6.94 -7.45
N VAL A 157 -11.93 7.89 -8.35
CA VAL A 157 -12.51 9.17 -7.96
C VAL A 157 -13.69 9.41 -8.84
N CYS A 158 -14.79 9.86 -8.25
CA CYS A 158 -15.91 10.39 -9.01
C CYS A 158 -15.59 11.85 -9.27
N GLY A 159 -15.03 12.15 -10.43
CA GLY A 159 -14.46 13.50 -10.65
C GLY A 159 -15.17 14.31 -11.71
N GLY A 160 -14.69 15.52 -11.95
CA GLY A 160 -15.26 16.40 -12.96
C GLY A 160 -16.63 16.71 -12.47
N THR A 161 -17.61 16.62 -13.37
CA THR A 161 -18.97 16.90 -12.97
C THR A 161 -19.67 15.61 -12.54
N PHE A 162 -18.95 14.49 -12.62
CA PHE A 162 -19.52 13.19 -12.28
C PHE A 162 -19.10 12.85 -10.87
N ASN A 163 -19.55 13.66 -9.94
CA ASN A 163 -19.08 13.65 -8.56
C ASN A 163 -20.05 12.98 -7.57
N VAL A 164 -21.14 12.36 -8.05
CA VAL A 164 -22.05 11.69 -7.12
C VAL A 164 -21.82 10.17 -7.19
N ILE A 165 -21.34 9.55 -6.10
CA ILE A 165 -21.23 8.09 -6.03
C ILE A 165 -22.60 7.44 -5.90
N LYS A 166 -22.85 6.39 -6.67
CA LYS A 166 -24.07 5.60 -6.62
C LYS A 166 -23.68 4.12 -6.62
N PRO A 167 -24.26 3.32 -5.70
CA PRO A 167 -25.27 3.71 -4.70
C PRO A 167 -24.67 4.67 -3.68
N ALA A 168 -25.47 5.62 -3.23
CA ALA A 168 -25.05 6.51 -2.17
C ALA A 168 -24.70 5.71 -0.91
N ASN A 169 -25.46 4.65 -0.65
CA ASN A 169 -25.30 3.82 0.57
C ASN A 169 -24.11 2.91 0.39
N ALA A 170 -23.09 3.06 1.24
CA ALA A 170 -21.85 2.30 1.20
C ALA A 170 -22.00 0.78 1.27
N ALA A 171 -23.12 0.30 1.82
CA ALA A 171 -23.36 -1.17 1.86
C ALA A 171 -23.91 -1.67 0.55
N LYS A 172 -24.16 -0.79 -0.41
CA LYS A 172 -24.84 -1.21 -1.64
C LYS A 172 -23.93 -1.11 -2.85
N VAL A 173 -24.23 -1.92 -3.87
CA VAL A 173 -23.41 -1.99 -5.04
C VAL A 173 -24.38 -2.32 -6.14
N LEU A 174 -23.97 -2.14 -7.41
CA LEU A 174 -24.82 -2.44 -8.54
C LEU A 174 -24.27 -3.67 -9.25
N GLN A 175 -25.19 -4.46 -9.84
CA GLN A 175 -24.92 -5.82 -10.34
C GLN A 175 -24.88 -5.91 -11.86
N ASP A 177 -22.52 -5.92 -15.65
CA ASP A 177 -21.91 -4.72 -16.26
C ASP A 177 -23.01 -3.72 -16.75
N SER A 178 -24.27 -4.14 -16.71
CA SER A 178 -25.42 -3.25 -17.02
C SER A 178 -25.70 -2.21 -15.93
N CYS A 179 -25.10 -2.42 -14.75
CA CYS A 179 -25.14 -1.43 -13.65
C CYS A 179 -26.45 -0.75 -13.28
N GLU A 180 -27.57 -1.41 -13.26
CA GLU A 180 -28.78 -0.73 -12.83
C GLU A 180 -29.60 -1.44 -11.66
N THR A 181 -29.24 -2.66 -11.25
CA THR A 181 -29.80 -3.36 -10.07
C THR A 181 -28.96 -3.23 -8.79
N GLU A 182 -29.59 -2.71 -7.75
CA GLU A 182 -28.93 -2.48 -6.46
C GLU A 182 -29.06 -3.74 -5.58
N VAL A 183 -27.96 -4.12 -4.93
CA VAL A 183 -27.92 -5.30 -4.02
C VAL A 183 -26.92 -4.98 -2.96
N ASP A 184 -26.95 -5.72 -1.86
CA ASP A 184 -26.00 -5.54 -0.79
C ASP A 184 -24.65 -6.04 -1.24
N LEU A 185 -23.63 -5.20 -1.04
CA LEU A 185 -22.26 -5.54 -1.35
C LEU A 185 -21.85 -6.92 -0.78
N VAL A 186 -22.10 -7.14 0.51
CA VAL A 186 -21.69 -8.43 1.08
C VAL A 186 -22.54 -9.60 0.60
N SER A 187 -23.54 -9.30 -0.20
CA SER A 187 -24.33 -10.41 -0.88
C SER A 187 -23.56 -11.01 -2.04
N LEU A 188 -22.52 -10.31 -2.48
CA LEU A 188 -21.66 -10.82 -3.56
C LEU A 188 -20.27 -11.11 -3.08
N VAL A 189 -19.73 -10.23 -2.25
CA VAL A 189 -18.39 -10.44 -1.72
C VAL A 189 -18.50 -10.31 -0.24
N PRO A 190 -18.71 -11.45 0.47
CA PRO A 190 -18.74 -11.35 1.94
C PRO A 190 -17.49 -10.68 2.47
N HIS A 191 -17.63 -9.87 3.54
CA HIS A 191 -16.50 -9.14 4.21
C HIS A 191 -15.91 -7.92 3.49
N ALA A 192 -16.24 -7.72 2.22
CA ALA A 192 -15.81 -6.53 1.48
C ALA A 192 -16.50 -5.27 2.03
N SER A 193 -15.85 -4.11 1.89
CA SER A 193 -16.49 -2.87 2.32
C SER A 193 -16.08 -1.71 1.44
N ARG A 194 -16.94 -0.69 1.35
CA ARG A 194 -16.65 0.49 0.55
C ARG A 194 -16.52 1.66 1.53
N SER A 195 -15.50 2.49 1.30
CA SER A 195 -15.29 3.72 2.07
C SER A 195 -14.99 4.91 1.16
N ALA A 196 -15.18 6.10 1.68
CA ALA A 196 -15.14 7.34 0.86
C ALA A 196 -14.42 8.48 1.56
N LEU A 197 -13.65 9.24 0.78
CA LEU A 197 -13.08 10.49 1.25
C LEU A 197 -13.81 11.60 0.50
N GLU A 198 -14.91 12.05 1.09
CA GLU A 198 -15.90 12.80 0.34
C GLU A 198 -15.37 14.15 -0.14
N GLN A 199 -14.42 14.73 0.57
CA GLN A 199 -13.92 16.04 0.11
C GLN A 199 -13.09 15.95 -1.16
N SER A 200 -12.66 14.73 -1.49
CA SER A 200 -11.83 14.52 -2.64
C SER A 200 -12.53 13.69 -3.73
N GLY A 201 -13.68 13.10 -3.41
CA GLY A 201 -14.40 12.21 -4.35
C GLY A 201 -13.86 10.79 -4.42
N LEU A 202 -12.84 10.50 -3.61
CA LEU A 202 -12.15 9.22 -3.63
C LEU A 202 -12.98 8.15 -2.90
N ILE A 203 -13.13 7.04 -3.59
CA ILE A 203 -13.91 5.90 -3.11
C ILE A 203 -12.92 4.76 -3.03
N LYS A 204 -13.05 3.93 -2.01
CA LYS A 204 -12.17 2.77 -1.91
C LYS A 204 -12.97 1.49 -1.68
N LEU A 205 -12.82 0.52 -2.56
CA LEU A 205 -13.31 -0.82 -2.29
C LEU A 205 -12.21 -1.76 -1.73
N SER A 206 -12.51 -2.42 -0.61
CA SER A 206 -11.57 -3.32 0.10
C SER A 206 -12.19 -4.69 0.32
N VAL A 207 -11.36 -5.71 0.32
CA VAL A 207 -11.82 -7.07 0.56
C VAL A 207 -10.78 -7.71 1.48
N THR A 208 -11.22 -8.71 2.24
CA THR A 208 -10.29 -9.53 2.99
C THR A 208 -10.10 -10.84 2.26
N ASP A 209 -11.07 -11.74 2.32
CA ASP A 209 -10.98 -12.99 1.59
C ASP A 209 -11.69 -12.73 0.28
N LEU A 210 -11.21 -13.37 -0.80
CA LEU A 210 -11.87 -13.34 -2.07
C LEU A 210 -13.15 -14.18 -2.10
N PRO A 211 -14.10 -13.81 -2.96
CA PRO A 211 -15.31 -14.63 -3.03
C PRO A 211 -15.00 -15.96 -3.69
N GLN A 212 -15.91 -16.93 -3.54
CA GLN A 212 -15.62 -18.26 -4.04
C GLN A 212 -15.68 -18.31 -5.55
N GLN A 213 -16.56 -17.49 -6.16
CA GLN A 213 -16.61 -17.30 -7.63
C GLN A 213 -16.22 -15.85 -7.98
N GLN A 214 -15.64 -15.63 -9.16
CA GLN A 214 -15.30 -14.27 -9.59
C GLN A 214 -16.58 -13.44 -9.59
N GLN A 215 -16.49 -12.22 -9.11
CA GLN A 215 -17.60 -11.27 -9.19
C GLN A 215 -17.25 -10.04 -10.04
N LYS A 216 -18.26 -9.37 -10.61
CA LYS A 216 -18.01 -8.04 -11.17
C LYS A 216 -18.90 -6.99 -10.51
N LEU A 217 -18.28 -6.09 -9.72
CA LEU A 217 -19.03 -5.05 -8.99
C LEU A 217 -19.17 -3.79 -9.84
N CYS A 218 -20.30 -3.13 -9.80
CA CYS A 218 -20.37 -1.87 -10.49
C CYS A 218 -20.83 -0.74 -9.59
N TYR A 219 -20.22 0.41 -9.80
CA TYR A 219 -20.61 1.67 -9.16
C TYR A 219 -20.79 2.72 -10.26
N ARG A 220 -21.51 3.78 -9.95
CA ARG A 220 -21.73 4.84 -10.91
C ARG A 220 -21.20 6.10 -10.29
N CYS A 221 -20.41 6.82 -11.06
CA CYS A 221 -20.12 8.21 -10.76
C CYS A 221 -21.02 9.07 -11.66
N GLU A 222 -22.00 9.72 -11.05
CA GLU A 222 -23.07 10.41 -11.76
C GLU A 222 -22.91 11.92 -11.63
N ASP A 223 -23.31 12.67 -12.67
CA ASP A 223 -23.56 14.10 -12.54
C ASP A 223 -24.93 14.39 -11.91
N SER A 224 -25.22 15.68 -11.73
CA SER A 224 -26.48 16.18 -11.19
C SER A 224 -27.74 15.77 -12.00
N SER A 225 -27.57 15.44 -13.27
CA SER A 225 -28.65 14.98 -14.19
C SER A 225 -28.73 13.46 -14.25
N GLN A 226 -27.97 12.79 -13.40
CA GLN A 226 -27.86 11.31 -13.38
C GLN A 226 -27.38 10.59 -14.63
N LYS A 227 -26.56 11.26 -15.43
CA LYS A 227 -25.75 10.57 -16.43
C LYS A 227 -24.56 10.03 -15.63
N ALA A 228 -23.89 9.00 -16.13
CA ALA A 228 -22.88 8.34 -15.32
C ALA A 228 -21.62 8.02 -16.09
N CYS A 229 -20.48 8.15 -15.39
CA CYS A 229 -19.28 7.42 -15.73
C CYS A 229 -19.43 6.09 -14.95
N LYS A 230 -19.16 4.93 -15.57
CA LYS A 230 -19.33 3.61 -14.89
C LYS A 230 -18.00 3.07 -14.39
N VAL A 231 -18.00 2.48 -13.19
CA VAL A 231 -16.80 1.84 -12.60
C VAL A 231 -17.09 0.36 -12.31
N LEU A 232 -16.34 -0.50 -12.98
CA LEU A 232 -16.55 -1.91 -12.87
C LEU A 232 -15.35 -2.59 -12.25
N VAL A 233 -15.57 -3.27 -11.11
CA VAL A 233 -14.47 -3.95 -10.43
C VAL A 233 -14.65 -5.45 -10.56
N THR A 234 -13.71 -6.10 -11.25
CA THR A 234 -13.64 -7.54 -11.22
C THR A 234 -12.89 -8.06 -9.99
N VAL A 235 -13.60 -8.86 -9.17
CA VAL A 235 -13.08 -9.40 -7.91
C VAL A 235 -12.78 -10.88 -8.17
N SER A 236 -11.51 -11.26 -8.08
CA SER A 236 -11.06 -12.58 -8.51
C SER A 236 -11.60 -13.66 -7.60
N ALA A 237 -11.83 -14.84 -8.14
CA ALA A 237 -12.23 -15.97 -7.29
C ALA A 237 -11.06 -16.39 -6.37
N SER A 238 -11.38 -16.87 -5.16
CA SER A 238 -10.38 -17.38 -4.21
C SER A 238 -9.67 -18.59 -4.79
#